data_8OGT
#
_entry.id   8OGT
#
_cell.length_a   118.910
_cell.length_b   39.260
_cell.length_c   68.570
_cell.angle_alpha   90.000
_cell.angle_beta   95.540
_cell.angle_gamma   90.000
#
_symmetry.space_group_name_H-M   'C 1 2 1'
#
loop_
_entity.id
_entity.type
_entity.pdbx_description
1 polymer 'Cyclic di-AMP synthase CdaA'
2 non-polymer 2-hydrazinyl-4-methoxypyrimidine
3 non-polymer 'MAGNESIUM ION'
4 water water
#
_entity_poly.entity_id   1
_entity_poly.type   'polypeptide(L)'
_entity_poly.pdbx_seq_one_letter_code
;GPTPVEEAQQKTIEAITKAINYMAKRRIGALLTIERDTGMGDYIETGIPLNAKVSSELLINIFIPNTPLHDGAVIMKNNE
IAAAACYLPLSESPFISKELGTRHRAAVGISEVTDSLTIIVSEETGGVSVAKNGDLHRELTEEALKEMLEAEFK
;
_entity_poly.pdbx_strand_id   A,B
#
loop_
_chem_comp.id
_chem_comp.type
_chem_comp.name
_chem_comp.formula
MG non-polymer 'MAGNESIUM ION' 'Mg 2'
R8S non-polymer 2-hydrazinyl-4-methoxypyrimidine 'C5 H8 N4 O'
#
# COMPACT_ATOMS: atom_id res chain seq x y z
N PRO A 2 10.13 -25.27 -13.76
CA PRO A 2 9.11 -24.23 -13.99
C PRO A 2 9.67 -23.04 -14.79
N THR A 3 8.81 -22.48 -15.61
CA THR A 3 9.15 -21.30 -16.41
C THR A 3 9.01 -20.04 -15.55
N PRO A 4 9.53 -18.90 -16.02
CA PRO A 4 9.38 -17.66 -15.25
C PRO A 4 7.93 -17.26 -15.03
N VAL A 5 7.05 -17.53 -16.00
CA VAL A 5 5.64 -17.21 -15.82
C VAL A 5 5.04 -18.06 -14.70
N GLU A 6 5.36 -19.36 -14.68
CA GLU A 6 4.83 -20.24 -13.65
C GLU A 6 5.36 -19.86 -12.27
N GLU A 7 6.65 -19.51 -12.19
CA GLU A 7 7.18 -19.07 -10.90
C GLU A 7 6.50 -17.79 -10.44
N ALA A 8 6.24 -16.86 -11.38
CA ALA A 8 5.56 -15.60 -11.01
C ALA A 8 4.16 -15.89 -10.49
N GLN A 9 3.42 -16.79 -11.13
CA GLN A 9 2.06 -17.14 -10.61
C GLN A 9 2.12 -17.77 -9.30
N GLN A 10 3.04 -18.67 -9.07
CA GLN A 10 3.12 -19.30 -7.75
C GLN A 10 3.48 -18.29 -6.67
N LYS A 11 4.42 -17.38 -6.96
CA LYS A 11 4.80 -16.36 -5.99
C LYS A 11 3.60 -15.48 -5.62
N THR A 12 2.76 -15.15 -6.61
CA THR A 12 1.57 -14.37 -6.33
C THR A 12 0.56 -15.14 -5.50
N ILE A 13 0.36 -16.42 -5.80
CA ILE A 13 -0.53 -17.24 -4.99
C ILE A 13 -0.05 -17.26 -3.54
N GLU A 14 1.26 -17.41 -3.34
CA GLU A 14 1.82 -17.47 -2.00
C GLU A 14 1.61 -16.17 -1.26
N ALA A 15 1.81 -15.06 -1.96
CA ALA A 15 1.60 -13.75 -1.33
C ALA A 15 0.15 -13.57 -0.91
N ILE A 16 -0.79 -14.00 -1.77
CA ILE A 16 -2.20 -13.88 -1.46
C ILE A 16 -2.55 -14.72 -0.25
N THR A 17 -2.14 -16.00 -0.23
CA THR A 17 -2.56 -16.85 0.87
C THR A 17 -1.96 -16.38 2.19
N LYS A 18 -0.71 -15.89 2.18
CA LYS A 18 -0.13 -15.37 3.42
C LYS A 18 -0.92 -14.18 3.94
N ALA A 19 -1.31 -13.26 3.05
CA ALA A 19 -2.07 -12.10 3.49
C ALA A 19 -3.44 -12.52 4.01
N ILE A 20 -4.11 -13.42 3.28
CA ILE A 20 -5.44 -13.87 3.69
C ILE A 20 -5.37 -14.54 5.06
N ASN A 21 -4.35 -15.37 5.29
N ASN A 21 -4.34 -15.35 5.29
CA ASN A 21 -4.22 -16.03 6.58
CA ASN A 21 -4.22 -16.01 6.59
C ASN A 21 -4.02 -15.02 7.71
C ASN A 21 -4.02 -15.01 7.72
N TYR A 22 -3.20 -13.98 7.48
CA TYR A 22 -3.00 -12.95 8.50
C TYR A 22 -4.29 -12.25 8.85
N MET A 23 -5.08 -11.92 7.83
CA MET A 23 -6.32 -11.19 8.06
C MET A 23 -7.40 -12.08 8.68
N ALA A 24 -7.43 -13.34 8.31
CA ALA A 24 -8.38 -14.26 8.94
C ALA A 24 -8.12 -14.40 10.43
N LYS A 25 -6.86 -14.53 10.79
CA LYS A 25 -6.47 -14.67 12.19
C LYS A 25 -6.93 -13.46 13.01
N ARG A 26 -6.84 -12.27 12.44
CA ARG A 26 -7.17 -11.04 13.14
C ARG A 26 -8.57 -10.55 12.87
N ARG A 27 -9.35 -11.30 12.09
CA ARG A 27 -10.73 -10.94 11.72
C ARG A 27 -10.78 -9.54 11.11
N ILE A 28 -9.86 -9.30 10.18
CA ILE A 28 -9.85 -8.08 9.37
C ILE A 28 -10.64 -8.36 8.10
N GLY A 29 -11.71 -7.58 7.88
CA GLY A 29 -12.48 -7.74 6.66
C GLY A 29 -11.66 -7.40 5.44
N ALA A 30 -11.82 -8.22 4.36
CA ALA A 30 -11.07 -7.99 3.14
C ALA A 30 -11.85 -8.48 1.95
N LEU A 31 -11.59 -7.85 0.81
CA LEU A 31 -12.28 -8.16 -0.44
C LEU A 31 -11.25 -8.00 -1.55
N LEU A 32 -10.93 -9.10 -2.22
CA LEU A 32 -9.84 -9.15 -3.19
C LEU A 32 -10.33 -9.89 -4.44
N THR A 33 -10.48 -9.17 -5.54
CA THR A 33 -10.99 -9.70 -6.79
C THR A 33 -9.83 -9.85 -7.77
N ILE A 34 -9.74 -11.01 -8.40
CA ILE A 34 -8.70 -11.30 -9.38
C ILE A 34 -9.38 -11.30 -10.74
N GLU A 35 -9.07 -10.30 -11.55
CA GLU A 35 -9.62 -10.21 -12.91
C GLU A 35 -9.12 -11.38 -13.74
N ARG A 36 -10.01 -11.94 -14.56
CA ARG A 36 -9.69 -13.02 -15.50
C ARG A 36 -9.93 -12.55 -16.92
N ASP A 37 -10.67 -13.34 -17.74
CA ASP A 37 -10.87 -12.96 -19.13
C ASP A 37 -11.82 -11.80 -19.31
N THR A 38 -12.79 -11.64 -18.41
CA THR A 38 -13.71 -10.52 -18.51
C THR A 38 -13.02 -9.28 -17.94
N GLY A 39 -12.89 -8.24 -18.77
CA GLY A 39 -12.24 -7.03 -18.30
C GLY A 39 -13.07 -6.32 -17.24
N MET A 40 -12.39 -5.75 -16.26
CA MET A 40 -13.08 -5.01 -15.21
C MET A 40 -12.56 -3.59 -15.08
N GLY A 41 -12.16 -2.99 -16.19
CA GLY A 41 -11.63 -1.63 -16.14
C GLY A 41 -12.60 -0.64 -15.53
N ASP A 42 -13.89 -0.78 -15.81
CA ASP A 42 -14.87 0.16 -15.25
C ASP A 42 -14.87 0.13 -13.74
N TYR A 43 -14.64 -1.04 -13.14
CA TYR A 43 -14.58 -1.15 -11.68
C TYR A 43 -13.23 -0.72 -11.13
N ILE A 44 -12.16 -1.04 -11.84
CA ILE A 44 -10.82 -0.62 -11.43
C ILE A 44 -10.77 0.90 -11.33
N GLU A 45 -11.45 1.59 -12.26
CA GLU A 45 -11.39 3.04 -12.33
C GLU A 45 -12.13 3.71 -11.18
N THR A 46 -12.96 2.98 -10.44
CA THR A 46 -13.64 3.58 -9.30
C THR A 46 -12.76 3.65 -8.06
N GLY A 47 -11.62 2.96 -8.05
CA GLY A 47 -10.74 2.91 -6.90
C GLY A 47 -9.56 3.88 -7.00
N ILE A 48 -8.63 3.68 -6.06
CA ILE A 48 -7.39 4.45 -6.02
C ILE A 48 -6.36 3.68 -6.86
N PRO A 49 -5.78 4.27 -7.89
CA PRO A 49 -4.81 3.54 -8.71
C PRO A 49 -3.55 3.20 -7.94
N LEU A 50 -3.08 1.98 -8.13
CA LEU A 50 -1.84 1.52 -7.50
C LEU A 50 -0.86 0.97 -8.56
N ASN A 51 -1.33 0.06 -9.42
CA ASN A 51 -0.44 -0.62 -10.35
C ASN A 51 0.83 -1.09 -9.67
N ALA A 52 0.66 -1.78 -8.55
CA ALA A 52 1.74 -2.12 -7.67
C ALA A 52 2.08 -3.60 -7.79
N LYS A 53 3.34 -3.92 -7.57
CA LYS A 53 3.76 -5.30 -7.43
C LYS A 53 3.03 -5.91 -6.25
N VAL A 54 2.69 -7.20 -6.39
CA VAL A 54 2.03 -7.95 -5.35
C VAL A 54 3.03 -8.29 -4.27
N SER A 55 2.61 -8.13 -3.02
CA SER A 55 3.31 -8.68 -1.87
C SER A 55 2.28 -8.93 -0.80
N SER A 56 2.56 -9.92 0.07
CA SER A 56 1.68 -10.10 1.23
C SER A 56 1.66 -8.84 2.10
N GLU A 57 2.80 -8.17 2.23
CA GLU A 57 2.89 -6.99 3.07
C GLU A 57 1.99 -5.88 2.56
N LEU A 58 2.02 -5.60 1.27
CA LEU A 58 1.16 -4.54 0.73
C LEU A 58 -0.31 -4.91 0.88
N LEU A 59 -0.65 -6.17 0.58
CA LEU A 59 -2.05 -6.55 0.75
C LEU A 59 -2.52 -6.32 2.19
N ILE A 60 -1.72 -6.72 3.17
CA ILE A 60 -2.12 -6.52 4.57
C ILE A 60 -2.25 -5.03 4.88
N ASN A 61 -1.25 -4.23 4.48
CA ASN A 61 -1.31 -2.80 4.77
C ASN A 61 -2.53 -2.14 4.13
N ILE A 62 -2.99 -2.64 2.99
CA ILE A 62 -4.15 -2.04 2.34
C ILE A 62 -5.41 -2.20 3.20
N PHE A 63 -5.59 -3.38 3.79
CA PHE A 63 -6.85 -3.71 4.43
C PHE A 63 -6.89 -3.39 5.92
N ILE A 64 -5.92 -2.66 6.44
CA ILE A 64 -5.97 -2.36 7.86
C ILE A 64 -7.24 -1.56 8.14
N PRO A 65 -8.02 -1.92 9.18
CA PRO A 65 -9.25 -1.16 9.46
C PRO A 65 -8.98 0.32 9.72
N ASN A 66 -9.95 1.15 9.34
CA ASN A 66 -9.93 2.59 9.58
C ASN A 66 -8.76 3.28 8.90
N THR A 67 -8.42 2.84 7.70
CA THR A 67 -7.40 3.48 6.88
C THR A 67 -8.01 3.91 5.58
N PRO A 68 -7.33 4.79 4.82
CA PRO A 68 -7.92 5.23 3.54
C PRO A 68 -8.28 4.09 2.58
N LEU A 69 -7.43 3.09 2.45
CA LEU A 69 -7.57 2.14 1.36
C LEU A 69 -8.43 0.93 1.69
N HIS A 70 -8.86 0.75 2.92
CA HIS A 70 -9.52 -0.51 3.30
C HIS A 70 -10.98 -0.63 2.88
N ASP A 71 -11.63 0.48 2.56
CA ASP A 71 -13.09 0.43 2.26
C ASP A 71 -13.30 0.19 0.77
N GLY A 72 -13.56 -1.05 0.38
CA GLY A 72 -13.78 -1.40 -1.02
C GLY A 72 -12.93 -2.58 -1.39
N ALA A 73 -12.87 -2.90 -2.66
CA ALA A 73 -12.17 -4.09 -3.13
C ALA A 73 -10.82 -3.80 -3.77
N VAL A 74 -9.83 -4.57 -3.46
CA VAL A 74 -8.62 -4.62 -4.26
C VAL A 74 -8.93 -5.41 -5.51
N ILE A 75 -8.49 -4.94 -6.66
CA ILE A 75 -8.63 -5.67 -7.90
C ILE A 75 -7.23 -5.93 -8.45
N MET A 76 -6.93 -7.19 -8.72
CA MET A 76 -5.66 -7.61 -9.27
C MET A 76 -5.85 -7.93 -10.74
N LYS A 77 -4.82 -7.60 -11.53
CA LYS A 77 -4.86 -7.76 -12.98
C LYS A 77 -3.42 -7.87 -13.44
N ASN A 78 -3.15 -8.85 -14.30
CA ASN A 78 -1.82 -9.03 -14.90
C ASN A 78 -0.73 -9.15 -13.82
N ASN A 79 -1.04 -9.84 -12.72
CA ASN A 79 -0.08 -10.14 -11.67
C ASN A 79 0.32 -8.91 -10.86
N GLU A 80 -0.48 -7.84 -10.90
CA GLU A 80 -0.27 -6.63 -10.14
C GLU A 80 -1.56 -6.25 -9.43
N ILE A 81 -1.43 -5.45 -8.38
CA ILE A 81 -2.58 -4.82 -7.74
C ILE A 81 -2.92 -3.58 -8.57
N ALA A 82 -4.04 -3.62 -9.30
CA ALA A 82 -4.39 -2.51 -10.16
C ALA A 82 -4.86 -1.30 -9.35
N ALA A 83 -5.79 -1.52 -8.42
CA ALA A 83 -6.37 -0.46 -7.62
C ALA A 83 -6.93 -1.04 -6.34
N ALA A 84 -7.15 -0.16 -5.36
CA ALA A 84 -7.74 -0.49 -4.08
C ALA A 84 -8.94 0.41 -3.84
N ALA A 85 -9.79 0.01 -2.88
CA ALA A 85 -10.96 0.80 -2.52
C ALA A 85 -11.91 0.93 -3.71
N CYS A 86 -12.05 -0.15 -4.48
CA CYS A 86 -12.89 -0.13 -5.66
C CYS A 86 -14.33 -0.53 -5.32
N TYR A 87 -15.25 -0.02 -6.13
CA TYR A 87 -16.64 -0.38 -6.01
C TYR A 87 -16.89 -1.67 -6.76
N LEU A 88 -17.67 -2.56 -6.14
CA LEU A 88 -18.19 -3.77 -6.78
C LEU A 88 -19.71 -3.74 -6.65
N PRO A 89 -20.43 -4.30 -7.63
CA PRO A 89 -21.90 -4.29 -7.55
C PRO A 89 -22.40 -5.30 -6.52
N LEU A 90 -23.46 -4.90 -5.81
CA LEU A 90 -24.03 -5.76 -4.79
C LEU A 90 -24.99 -6.75 -5.41
N SER A 91 -24.81 -8.02 -5.09
CA SER A 91 -25.74 -9.05 -5.55
C SER A 91 -27.10 -8.89 -4.90
N GLU A 92 -28.15 -9.20 -5.67
CA GLU A 92 -29.51 -9.28 -5.17
C GLU A 92 -29.95 -10.73 -5.01
N SER A 93 -29.01 -11.64 -5.04
CA SER A 93 -29.37 -13.06 -4.95
C SER A 93 -30.00 -13.36 -3.60
N PRO A 94 -31.15 -14.04 -3.56
CA PRO A 94 -31.74 -14.42 -2.28
C PRO A 94 -31.15 -15.67 -1.66
N PHE A 95 -30.08 -16.23 -2.24
CA PHE A 95 -29.51 -17.50 -1.82
C PHE A 95 -28.14 -17.34 -1.17
N ILE A 96 -27.81 -16.14 -0.77
CA ILE A 96 -26.64 -15.90 0.05
C ILE A 96 -27.06 -16.00 1.50
N SER A 97 -26.22 -16.61 2.33
CA SER A 97 -26.51 -16.74 3.75
C SER A 97 -26.95 -15.40 4.32
N LYS A 98 -28.07 -15.43 5.04
CA LYS A 98 -28.68 -14.18 5.49
C LYS A 98 -27.83 -13.46 6.53
N GLU A 99 -26.88 -14.14 7.17
CA GLU A 99 -26.04 -13.46 8.17
C GLU A 99 -24.96 -12.61 7.54
N LEU A 100 -24.71 -12.77 6.24
CA LEU A 100 -23.61 -12.06 5.61
C LEU A 100 -24.05 -10.66 5.17
N GLY A 101 -23.07 -9.76 5.07
CA GLY A 101 -23.31 -8.39 4.74
C GLY A 101 -22.83 -8.01 3.37
N THR A 102 -22.57 -6.70 3.20
CA THR A 102 -22.34 -6.15 1.87
C THR A 102 -21.01 -6.59 1.28
N ARG A 103 -20.02 -6.93 2.11
CA ARG A 103 -18.75 -7.40 1.56
C ARG A 103 -18.95 -8.67 0.73
N HIS A 104 -19.63 -9.63 1.33
CA HIS A 104 -19.91 -10.86 0.61
C HIS A 104 -20.88 -10.63 -0.53
N ARG A 105 -21.87 -9.75 -0.34
CA ARG A 105 -22.78 -9.47 -1.45
C ARG A 105 -22.08 -8.78 -2.60
N ALA A 106 -21.10 -7.93 -2.31
CA ALA A 106 -20.33 -7.31 -3.39
C ALA A 106 -19.49 -8.33 -4.14
N ALA A 107 -18.90 -9.28 -3.42
CA ALA A 107 -18.11 -10.31 -4.08
C ALA A 107 -18.99 -11.19 -4.97
N VAL A 108 -20.13 -11.61 -4.45
CA VAL A 108 -21.04 -12.41 -5.29
C VAL A 108 -21.50 -11.57 -6.47
N GLY A 109 -21.75 -10.28 -6.25
CA GLY A 109 -22.26 -9.45 -7.32
C GLY A 109 -21.30 -9.34 -8.50
N ILE A 110 -20.02 -9.07 -8.23
CA ILE A 110 -19.07 -9.02 -9.33
C ILE A 110 -18.93 -10.40 -9.99
N SER A 111 -19.06 -11.46 -9.22
CA SER A 111 -18.97 -12.83 -9.75
C SER A 111 -20.14 -13.19 -10.64
N GLU A 112 -21.22 -12.43 -10.61
CA GLU A 112 -22.39 -12.69 -11.42
C GLU A 112 -22.24 -12.16 -12.84
N VAL A 113 -21.34 -11.20 -13.05
CA VAL A 113 -21.23 -10.49 -14.31
C VAL A 113 -19.81 -10.51 -14.87
N THR A 114 -18.93 -11.27 -14.23
CA THR A 114 -17.58 -11.49 -14.70
C THR A 114 -17.18 -12.92 -14.39
N ASP A 115 -16.06 -13.37 -14.98
CA ASP A 115 -15.48 -14.66 -14.65
C ASP A 115 -14.39 -14.55 -13.59
N SER A 116 -14.39 -13.46 -12.84
CA SER A 116 -13.36 -13.25 -11.86
C SER A 116 -13.53 -14.16 -10.66
N LEU A 117 -12.47 -14.26 -9.88
CA LEU A 117 -12.48 -14.97 -8.60
C LEU A 117 -12.27 -13.93 -7.51
N THR A 118 -13.16 -13.89 -6.53
CA THR A 118 -13.06 -12.95 -5.42
C THR A 118 -12.90 -13.71 -4.11
N ILE A 119 -11.97 -13.26 -3.26
CA ILE A 119 -11.74 -13.79 -1.93
C ILE A 119 -12.30 -12.79 -0.93
N ILE A 120 -12.99 -13.29 0.08
CA ILE A 120 -13.55 -12.46 1.13
C ILE A 120 -13.07 -12.98 2.48
N VAL A 121 -12.61 -12.08 3.34
CA VAL A 121 -12.40 -12.40 4.76
C VAL A 121 -13.48 -11.69 5.57
N SER A 122 -14.22 -12.46 6.38
CA SER A 122 -15.27 -11.87 7.21
C SER A 122 -14.66 -11.14 8.42
N GLU A 123 -15.11 -9.91 8.66
CA GLU A 123 -14.70 -9.24 9.88
C GLU A 123 -15.42 -9.77 11.12
N GLU A 124 -16.50 -10.54 10.95
CA GLU A 124 -17.20 -11.05 12.11
C GLU A 124 -16.56 -12.33 12.63
N THR A 125 -16.06 -13.18 11.73
CA THR A 125 -15.58 -14.49 12.13
C THR A 125 -14.17 -14.81 11.68
N GLY A 126 -13.59 -14.04 10.77
CA GLY A 126 -12.36 -14.43 10.13
C GLY A 126 -12.49 -15.55 9.11
N GLY A 127 -13.70 -16.00 8.84
CA GLY A 127 -13.88 -17.02 7.82
C GLY A 127 -13.50 -16.52 6.45
N VAL A 128 -12.99 -17.43 5.63
CA VAL A 128 -12.54 -17.13 4.29
C VAL A 128 -13.50 -17.77 3.30
N SER A 129 -13.91 -17.02 2.30
CA SER A 129 -14.84 -17.54 1.28
C SER A 129 -14.39 -17.03 -0.08
N VAL A 130 -14.92 -17.64 -1.14
CA VAL A 130 -14.58 -17.30 -2.51
C VAL A 130 -15.87 -17.20 -3.30
N ALA A 131 -16.02 -16.12 -4.05
CA ALA A 131 -17.15 -15.96 -4.96
C ALA A 131 -16.71 -16.16 -6.39
N LYS A 132 -17.46 -16.99 -7.11
CA LYS A 132 -17.22 -17.21 -8.53
C LYS A 132 -18.53 -17.67 -9.15
N ASN A 133 -18.81 -17.19 -10.35
CA ASN A 133 -19.97 -17.66 -11.13
C ASN A 133 -21.29 -17.45 -10.41
N GLY A 134 -21.38 -16.53 -9.46
CA GLY A 134 -22.62 -16.27 -8.79
C GLY A 134 -22.80 -17.01 -7.49
N ASP A 135 -21.88 -17.88 -7.13
CA ASP A 135 -21.97 -18.65 -5.91
C ASP A 135 -20.86 -18.28 -4.95
N LEU A 136 -21.17 -18.42 -3.66
CA LEU A 136 -20.23 -18.18 -2.59
C LEU A 136 -19.85 -19.51 -1.95
N HIS A 137 -18.55 -19.78 -1.89
CA HIS A 137 -18.00 -20.97 -1.26
C HIS A 137 -17.42 -20.62 0.09
N ARG A 138 -18.08 -21.08 1.14
CA ARG A 138 -17.82 -20.57 2.49
C ARG A 138 -16.93 -21.48 3.31
N GLU A 139 -16.39 -20.90 4.36
CA GLU A 139 -15.68 -21.65 5.38
C GLU A 139 -14.56 -22.50 4.79
N LEU A 140 -13.74 -21.85 3.97
CA LEU A 140 -12.63 -22.50 3.32
C LEU A 140 -11.46 -22.68 4.28
N THR A 141 -10.82 -23.85 4.20
CA THR A 141 -9.49 -24.03 4.75
C THR A 141 -8.45 -23.37 3.84
N GLU A 142 -7.22 -23.28 4.36
N GLU A 142 -7.22 -23.28 4.36
CA GLU A 142 -6.13 -22.72 3.56
CA GLU A 142 -6.13 -22.72 3.56
C GLU A 142 -5.85 -23.60 2.34
C GLU A 142 -5.84 -23.59 2.34
N GLU A 143 -5.92 -24.91 2.51
CA GLU A 143 -5.71 -25.82 1.40
C GLU A 143 -6.78 -25.67 0.34
N ALA A 144 -8.04 -25.48 0.76
CA ALA A 144 -9.12 -25.28 -0.19
C ALA A 144 -8.92 -24.00 -1.00
N LEU A 145 -8.51 -22.92 -0.33
CA LEU A 145 -8.28 -21.67 -1.06
C LEU A 145 -7.14 -21.83 -2.05
N LYS A 146 -6.03 -22.44 -1.63
CA LYS A 146 -4.91 -22.69 -2.54
C LYS A 146 -5.37 -23.46 -3.77
N GLU A 147 -6.14 -24.54 -3.56
CA GLU A 147 -6.65 -25.31 -4.68
C GLU A 147 -7.45 -24.44 -5.62
N MET A 148 -8.30 -23.55 -5.08
CA MET A 148 -9.09 -22.69 -6.02
C MET A 148 -8.19 -21.76 -6.75
N LEU A 149 -7.19 -21.17 -6.10
CA LEU A 149 -6.29 -20.27 -6.81
C LEU A 149 -5.49 -21.01 -7.88
N GLU A 150 -5.03 -22.22 -7.59
CA GLU A 150 -4.28 -22.98 -8.59
C GLU A 150 -5.18 -23.41 -9.75
N ALA A 151 -6.44 -23.77 -9.44
CA ALA A 151 -7.36 -24.16 -10.50
C ALA A 151 -7.67 -22.98 -11.40
N GLU A 152 -7.87 -21.81 -10.80
CA GLU A 152 -8.16 -20.62 -11.57
C GLU A 152 -7.01 -20.27 -12.51
N PRO B 2 1.07 24.21 -18.21
CA PRO B 2 2.20 23.42 -17.75
C PRO B 2 2.34 22.16 -18.58
N THR B 3 3.53 21.58 -18.66
CA THR B 3 3.68 20.34 -19.41
C THR B 3 3.14 19.17 -18.59
N PRO B 4 2.92 18.03 -19.23
CA PRO B 4 2.53 16.83 -18.46
C PRO B 4 3.50 16.50 -17.34
N VAL B 5 4.80 16.62 -17.58
CA VAL B 5 5.78 16.35 -16.52
C VAL B 5 5.53 17.26 -15.33
N GLU B 6 5.33 18.56 -15.62
CA GLU B 6 5.07 19.53 -14.55
C GLU B 6 3.77 19.22 -13.83
N GLU B 7 2.73 18.85 -14.56
CA GLU B 7 1.46 18.52 -13.90
C GLU B 7 1.60 17.30 -13.01
N ALA B 8 2.32 16.26 -13.49
CA ALA B 8 2.56 15.08 -12.69
C ALA B 8 3.35 15.42 -11.43
N GLN B 9 4.35 16.28 -11.54
CA GLN B 9 5.11 16.70 -10.36
C GLN B 9 4.21 17.36 -9.33
N GLN B 10 3.31 18.26 -9.79
CA GLN B 10 2.42 18.94 -8.86
C GLN B 10 1.49 17.96 -8.18
N LYS B 11 0.99 16.97 -8.93
CA LYS B 11 0.13 15.95 -8.33
C LYS B 11 0.88 15.17 -7.26
N THR B 12 2.14 14.85 -7.51
CA THR B 12 2.92 14.03 -6.57
C THR B 12 3.21 14.86 -5.32
N ILE B 13 3.48 16.16 -5.50
CA ILE B 13 3.74 17.03 -4.32
C ILE B 13 2.44 17.14 -3.52
N GLU B 14 1.29 17.22 -4.16
CA GLU B 14 0.00 17.37 -3.46
C GLU B 14 -0.27 16.08 -2.67
N ALA B 15 0.02 14.92 -3.26
CA ALA B 15 -0.18 13.65 -2.58
C ALA B 15 0.73 13.54 -1.36
N ILE B 16 1.99 13.94 -1.50
CA ILE B 16 2.91 13.83 -0.39
C ILE B 16 2.49 14.75 0.76
N THR B 17 2.20 16.02 0.43
CA THR B 17 1.86 16.96 1.50
C THR B 17 0.58 16.56 2.21
N LYS B 18 -0.42 16.03 1.48
CA LYS B 18 -1.64 15.58 2.14
C LYS B 18 -1.35 14.42 3.09
N ALA B 19 -0.48 13.51 2.67
CA ALA B 19 -0.15 12.38 3.52
C ALA B 19 0.62 12.81 4.76
N ILE B 20 1.65 13.66 4.57
CA ILE B 20 2.45 14.12 5.69
C ILE B 20 1.57 14.86 6.69
N ASN B 21 0.66 15.71 6.20
CA ASN B 21 -0.18 16.49 7.12
C ASN B 21 -1.07 15.60 7.94
N TYR B 22 -1.64 14.58 7.31
CA TYR B 22 -2.48 13.62 8.01
C TYR B 22 -1.68 12.90 9.08
N MET B 23 -0.48 12.45 8.74
CA MET B 23 0.32 11.71 9.69
C MET B 23 0.81 12.60 10.82
N ALA B 24 1.19 13.83 10.51
CA ALA B 24 1.60 14.75 11.56
C ALA B 24 0.49 14.97 12.59
N LYS B 25 -0.75 15.16 12.12
CA LYS B 25 -1.85 15.41 13.04
C LYS B 25 -2.08 14.23 13.98
N ARG B 26 -1.84 13.01 13.51
CA ARG B 26 -2.08 11.81 14.30
C ARG B 26 -0.82 11.22 14.92
N ARG B 27 0.31 11.91 14.82
CA ARG B 27 1.56 11.44 15.40
C ARG B 27 1.93 10.06 14.84
N ILE B 28 1.70 9.88 13.54
CA ILE B 28 2.14 8.67 12.85
C ILE B 28 3.56 8.92 12.35
N GLY B 29 4.51 8.15 12.89
CA GLY B 29 5.89 8.30 12.46
C GLY B 29 6.05 7.87 11.01
N ALA B 30 6.83 8.62 10.26
CA ALA B 30 7.01 8.37 8.85
C ALA B 30 8.41 8.78 8.44
N LEU B 31 8.89 8.15 7.38
CA LEU B 31 10.24 8.36 6.85
C LEU B 31 10.13 8.17 5.34
N LEU B 32 10.28 9.26 4.60
CA LEU B 32 9.94 9.29 3.18
C LEU B 32 11.07 10.00 2.44
N THR B 33 11.81 9.25 1.64
CA THR B 33 12.97 9.76 0.89
C THR B 33 12.58 9.89 -0.57
N ILE B 34 12.81 11.06 -1.12
CA ILE B 34 12.56 11.33 -2.54
C ILE B 34 13.91 11.31 -3.25
N GLU B 35 14.13 10.32 -4.10
CA GLU B 35 15.34 10.22 -4.89
C GLU B 35 15.42 11.39 -5.86
N ARG B 36 16.62 11.92 -6.03
CA ARG B 36 16.86 13.00 -6.98
C ARG B 36 17.85 12.51 -8.03
N ASP B 37 18.97 13.22 -8.25
CA ASP B 37 19.89 12.80 -9.30
C ASP B 37 20.85 11.70 -8.88
N THR B 38 21.10 11.52 -7.60
CA THR B 38 21.93 10.42 -7.14
C THR B 38 21.05 9.17 -7.00
N GLY B 39 21.36 8.15 -7.79
CA GLY B 39 20.54 6.96 -7.78
C GLY B 39 20.61 6.26 -6.44
N MET B 40 19.46 5.73 -5.99
CA MET B 40 19.37 5.09 -4.69
C MET B 40 19.02 3.61 -4.80
N GLY B 41 19.34 3.01 -5.94
CA GLY B 41 18.97 1.62 -6.16
C GLY B 41 19.42 0.70 -5.04
N ASP B 42 20.63 0.91 -4.51
CA ASP B 42 21.14 0.01 -3.50
C ASP B 42 20.23 0.00 -2.28
N TYR B 43 19.60 1.13 -1.96
CA TYR B 43 18.72 1.22 -0.79
C TYR B 43 17.32 0.76 -1.12
N ILE B 44 16.84 1.09 -2.33
CA ILE B 44 15.55 0.60 -2.80
C ILE B 44 15.50 -0.93 -2.72
N GLU B 45 16.57 -1.59 -3.13
CA GLU B 45 16.64 -3.03 -3.16
C GLU B 45 16.57 -3.69 -1.80
N THR B 46 16.76 -2.94 -0.71
CA THR B 46 16.68 -3.52 0.61
C THR B 46 15.26 -3.63 1.13
N GLY B 47 14.30 -2.95 0.50
CA GLY B 47 12.93 -2.90 0.97
C GLY B 47 12.05 -3.88 0.21
N ILE B 48 10.75 -3.74 0.45
CA ILE B 48 9.72 -4.51 -0.24
C ILE B 48 9.39 -3.75 -1.51
N PRO B 49 9.50 -4.36 -2.70
CA PRO B 49 9.20 -3.64 -3.93
C PRO B 49 7.71 -3.35 -4.04
N LEU B 50 7.40 -2.11 -4.41
CA LEU B 50 6.04 -1.70 -4.73
C LEU B 50 5.91 -1.22 -6.17
N ASN B 51 6.79 -0.32 -6.61
CA ASN B 51 6.71 0.30 -7.93
C ASN B 51 5.30 0.81 -8.21
N ALA B 52 4.73 1.48 -7.22
CA ALA B 52 3.31 1.83 -7.22
C ALA B 52 3.11 3.30 -7.57
N LYS B 53 1.97 3.60 -8.20
CA LYS B 53 1.58 4.98 -8.41
C LYS B 53 1.42 5.69 -7.07
N VAL B 54 1.78 6.96 -7.03
CA VAL B 54 1.72 7.70 -5.78
C VAL B 54 0.27 8.04 -5.48
N SER B 55 -0.11 7.94 -4.22
CA SER B 55 -1.33 8.53 -3.73
C SER B 55 -1.14 8.85 -2.26
N SER B 56 -1.87 9.84 -1.77
CA SER B 56 -1.81 10.15 -0.34
C SER B 56 -2.31 8.96 0.46
N GLU B 57 -3.28 8.23 -0.09
CA GLU B 57 -3.89 7.12 0.64
C GLU B 57 -2.90 5.98 0.84
N LEU B 58 -2.16 5.62 -0.20
CA LEU B 58 -1.15 4.58 -0.06
C LEU B 58 -0.04 4.99 0.89
N LEU B 59 0.44 6.24 0.79
CA LEU B 59 1.52 6.66 1.68
C LEU B 59 1.09 6.54 3.15
N ILE B 60 -0.13 7.00 3.47
CA ILE B 60 -0.64 6.89 4.83
C ILE B 60 -0.76 5.42 5.24
N ASN B 61 -1.35 4.58 4.37
CA ASN B 61 -1.53 3.17 4.74
C ASN B 61 -0.18 2.48 5.01
N ILE B 62 0.89 2.88 4.30
CA ILE B 62 2.20 2.26 4.49
C ILE B 62 2.70 2.46 5.91
N PHE B 63 2.50 3.64 6.49
CA PHE B 63 3.11 3.96 7.75
C PHE B 63 2.23 3.69 8.97
N ILE B 64 1.07 3.10 8.79
CA ILE B 64 0.24 2.80 9.98
C ILE B 64 1.04 1.95 10.97
N PRO B 65 1.10 2.31 12.24
CA PRO B 65 1.92 1.56 13.18
C PRO B 65 1.52 0.10 13.27
N ASN B 66 2.50 -0.74 13.54
CA ASN B 66 2.31 -2.18 13.78
C ASN B 66 1.83 -2.93 12.52
N THR B 67 2.25 -2.48 11.33
CA THR B 67 1.93 -3.17 10.08
C THR B 67 3.20 -3.60 9.37
N PRO B 68 3.10 -4.54 8.43
CA PRO B 68 4.32 -5.03 7.75
C PRO B 68 5.21 -3.94 7.12
N LEU B 69 4.63 -2.89 6.57
CA LEU B 69 5.44 -1.96 5.81
C LEU B 69 5.88 -0.72 6.58
N HIS B 70 5.51 -0.58 7.86
CA HIS B 70 5.71 0.71 8.53
C HIS B 70 7.15 0.93 8.98
N ASP B 71 7.95 -0.13 9.15
CA ASP B 71 9.27 0.07 9.73
C ASP B 71 10.30 0.17 8.59
N GLY B 72 11.02 1.28 8.58
CA GLY B 72 11.96 1.58 7.51
C GLY B 72 11.43 2.71 6.64
N ALA B 73 12.20 3.00 5.59
CA ALA B 73 11.92 4.14 4.73
C ALA B 73 11.10 3.75 3.50
N VAL B 74 10.23 4.66 3.12
CA VAL B 74 9.67 4.69 1.77
C VAL B 74 10.61 5.46 0.87
N ILE B 75 10.92 4.93 -0.29
CA ILE B 75 11.78 5.61 -1.27
C ILE B 75 10.94 5.82 -2.53
N MET B 76 10.80 7.08 -2.94
CA MET B 76 10.05 7.46 -4.12
C MET B 76 11.02 7.77 -5.25
N LYS B 77 10.65 7.34 -6.45
CA LYS B 77 11.40 7.56 -7.67
C LYS B 77 10.42 8.29 -8.58
N ASN B 78 10.67 9.60 -8.78
CA ASN B 78 9.86 10.45 -9.63
C ASN B 78 8.43 10.36 -9.10
N ASN B 79 7.52 9.79 -9.88
CA ASN B 79 6.10 9.76 -9.51
C ASN B 79 5.64 8.39 -9.04
N GLU B 80 6.56 7.58 -8.53
CA GLU B 80 6.23 6.25 -8.06
C GLU B 80 6.80 6.05 -6.65
N ILE B 81 6.12 5.22 -5.88
CA ILE B 81 6.64 4.67 -4.62
C ILE B 81 7.40 3.41 -5.02
N ALA B 82 8.72 3.50 -5.07
CA ALA B 82 9.51 2.36 -5.53
C ALA B 82 9.47 1.20 -4.54
N ALA B 83 9.69 1.47 -3.26
CA ALA B 83 9.77 0.43 -2.26
C ALA B 83 9.48 1.00 -0.88
N ALA B 84 9.08 0.14 0.04
CA ALA B 84 8.81 0.51 1.42
C ALA B 84 9.64 -0.37 2.33
N ALA B 85 9.74 0.03 3.60
CA ALA B 85 10.52 -0.70 4.58
C ALA B 85 11.98 -0.83 4.17
N CYS B 86 12.53 0.25 3.62
CA CYS B 86 13.91 0.24 3.16
C CYS B 86 14.89 0.64 4.27
N TYR B 87 16.09 0.10 4.18
CA TYR B 87 17.18 0.50 5.05
C TYR B 87 17.85 1.75 4.52
N LEU B 88 18.19 2.66 5.43
CA LEU B 88 19.03 3.81 5.17
C LEU B 88 20.15 3.83 6.20
N PRO B 89 21.30 4.38 5.84
CA PRO B 89 22.43 4.43 6.78
C PRO B 89 22.15 5.48 7.85
N LEU B 90 22.64 5.24 9.05
CA LEU B 90 22.41 6.15 10.18
C LEU B 90 23.52 7.17 10.26
N SER B 91 23.15 8.44 10.37
CA SER B 91 24.13 9.50 10.52
C SER B 91 24.67 9.53 11.95
N GLU B 92 25.94 9.89 12.06
CA GLU B 92 26.62 10.16 13.31
C GLU B 92 26.80 11.65 13.54
N SER B 93 26.08 12.48 12.80
CA SER B 93 26.26 13.92 12.94
C SER B 93 25.92 14.35 14.36
N PRO B 94 26.74 15.22 14.97
CA PRO B 94 26.40 15.76 16.28
C PRO B 94 25.33 16.84 16.24
N PHE B 95 24.85 17.24 15.06
CA PHE B 95 23.83 18.27 14.93
C PHE B 95 22.43 17.70 14.79
N ILE B 96 22.23 16.46 15.21
CA ILE B 96 20.90 15.87 15.31
C ILE B 96 20.49 15.94 16.77
N SER B 97 19.36 16.59 17.06
CA SER B 97 18.93 16.76 18.44
C SER B 97 18.97 15.41 19.16
N LYS B 98 19.51 15.43 20.39
CA LYS B 98 19.76 14.16 21.09
C LYS B 98 18.47 13.39 21.37
N GLU B 99 17.33 14.07 21.48
CA GLU B 99 16.08 13.35 21.79
C GLU B 99 15.54 12.58 20.60
N LEU B 100 16.02 12.85 19.39
CA LEU B 100 15.49 12.23 18.19
C LEU B 100 15.98 10.80 18.02
N GLY B 101 15.14 9.98 17.43
CA GLY B 101 15.41 8.57 17.29
C GLY B 101 15.91 8.16 15.93
N THR B 102 15.69 6.90 15.60
CA THR B 102 16.31 6.28 14.45
C THR B 102 15.81 6.85 13.12
N ARG B 103 14.53 7.22 13.04
CA ARG B 103 14.01 7.75 11.77
C ARG B 103 14.79 8.98 11.32
N HIS B 104 15.01 9.91 12.26
CA HIS B 104 15.73 11.13 11.90
C HIS B 104 17.17 10.87 11.58
N ARG B 105 17.81 9.95 12.32
CA ARG B 105 19.21 9.66 12.06
C ARG B 105 19.39 8.97 10.71
N ALA B 106 18.44 8.08 10.35
CA ALA B 106 18.48 7.47 9.02
C ALA B 106 18.30 8.50 7.91
N ALA B 107 17.41 9.45 8.11
CA ALA B 107 17.16 10.49 7.11
C ALA B 107 18.40 11.34 6.89
N VAL B 108 19.01 11.85 7.97
CA VAL B 108 20.23 12.62 7.78
C VAL B 108 21.29 11.74 7.14
N GLY B 109 21.35 10.47 7.53
CA GLY B 109 22.35 9.57 7.00
C GLY B 109 22.27 9.42 5.49
N ILE B 110 21.06 9.22 4.94
CA ILE B 110 20.95 9.12 3.49
C ILE B 110 21.25 10.47 2.84
N SER B 111 20.94 11.58 3.52
CA SER B 111 21.18 12.91 2.98
C SER B 111 22.66 13.26 2.88
N GLU B 112 23.52 12.54 3.61
CA GLU B 112 24.96 12.75 3.55
C GLU B 112 25.61 12.07 2.35
N VAL B 113 24.93 11.14 1.68
CA VAL B 113 25.58 10.39 0.60
C VAL B 113 24.75 10.45 -0.68
N THR B 114 23.67 11.22 -0.68
CA THR B 114 22.86 11.45 -1.86
C THR B 114 22.38 12.89 -1.83
N ASP B 115 21.84 13.34 -2.95
CA ASP B 115 21.15 14.63 -3.06
C ASP B 115 19.65 14.51 -2.83
N SER B 116 19.21 13.42 -2.21
CA SER B 116 17.78 13.22 -2.00
C SER B 116 17.24 14.18 -0.95
N LEU B 117 15.91 14.32 -0.92
CA LEU B 117 15.18 15.04 0.11
C LEU B 117 14.38 14.04 0.92
N THR B 118 14.59 14.01 2.24
CA THR B 118 13.87 13.07 3.10
C THR B 118 12.99 13.87 4.06
N ILE B 119 11.74 13.43 4.20
CA ILE B 119 10.77 14.01 5.13
C ILE B 119 10.59 13.03 6.25
N ILE B 120 10.52 13.53 7.50
CA ILE B 120 10.33 12.73 8.69
C ILE B 120 9.17 13.33 9.50
N VAL B 121 8.25 12.48 9.95
CA VAL B 121 7.22 12.84 10.92
C VAL B 121 7.58 12.15 12.23
N SER B 122 7.67 12.93 13.31
CA SER B 122 7.99 12.37 14.62
C SER B 122 6.76 11.73 15.24
N GLU B 123 6.91 10.47 15.69
CA GLU B 123 5.82 9.81 16.41
C GLU B 123 5.65 10.36 17.82
N GLU B 124 6.62 11.14 18.30
CA GLU B 124 6.52 11.68 19.65
C GLU B 124 5.77 13.01 19.67
N THR B 125 6.06 13.89 18.71
CA THR B 125 5.52 15.24 18.72
C THR B 125 4.62 15.58 17.56
N GLY B 126 4.64 14.79 16.49
CA GLY B 126 3.97 15.17 15.26
C GLY B 126 4.74 16.17 14.42
N GLY B 127 5.90 16.61 14.88
CA GLY B 127 6.64 17.59 14.13
C GLY B 127 7.19 17.01 12.85
N VAL B 128 7.29 17.87 11.84
CA VAL B 128 7.74 17.51 10.51
C VAL B 128 9.11 18.13 10.28
N SER B 129 10.04 17.32 9.79
CA SER B 129 11.39 17.77 9.47
C SER B 129 11.81 17.29 8.11
N VAL B 130 12.85 17.91 7.57
CA VAL B 130 13.43 17.52 6.29
C VAL B 130 14.94 17.39 6.46
N ALA B 131 15.49 16.33 5.87
CA ALA B 131 16.93 16.13 5.80
C ALA B 131 17.39 16.31 4.37
N LYS B 132 18.43 17.14 4.20
CA LYS B 132 18.98 17.40 2.89
C LYS B 132 20.44 17.82 3.06
N ASN B 133 21.33 17.19 2.30
CA ASN B 133 22.73 17.60 2.26
C ASN B 133 23.36 17.58 3.65
N GLY B 134 22.95 16.61 4.49
CA GLY B 134 23.55 16.44 5.79
C GLY B 134 22.95 17.29 6.91
N ASP B 135 21.96 18.12 6.60
CA ASP B 135 21.35 19.05 7.54
C ASP B 135 19.92 18.63 7.81
N LEU B 136 19.51 18.70 9.06
CA LEU B 136 18.12 18.46 9.45
C LEU B 136 17.45 19.79 9.81
N HIS B 137 16.31 20.05 9.16
CA HIS B 137 15.48 21.23 9.41
C HIS B 137 14.17 20.81 10.04
N ARG B 138 13.93 21.25 11.27
CA ARG B 138 12.86 20.74 12.12
C ARG B 138 11.68 21.70 12.16
N GLU B 139 10.55 21.16 12.68
CA GLU B 139 9.36 21.93 13.04
C GLU B 139 8.83 22.75 11.87
N LEU B 140 8.77 22.11 10.70
CA LEU B 140 8.32 22.80 9.51
C LEU B 140 6.81 22.99 9.52
N THR B 141 6.38 24.15 9.05
CA THR B 141 4.96 24.36 8.77
C THR B 141 4.58 23.63 7.48
N GLU B 142 3.27 23.49 7.25
CA GLU B 142 2.84 22.86 6.01
C GLU B 142 3.30 23.69 4.82
N GLU B 143 3.22 25.02 4.94
CA GLU B 143 3.64 25.90 3.86
C GLU B 143 5.14 25.73 3.56
N ALA B 144 5.96 25.69 4.61
CA ALA B 144 7.39 25.54 4.41
C ALA B 144 7.73 24.23 3.72
N LEU B 145 7.06 23.14 4.12
CA LEU B 145 7.31 21.86 3.48
C LEU B 145 6.95 21.90 2.00
N LYS B 146 5.76 22.45 1.68
CA LYS B 146 5.32 22.48 0.29
C LYS B 146 6.27 23.30 -0.56
N GLU B 147 6.71 24.45 -0.03
CA GLU B 147 7.67 25.29 -0.75
C GLU B 147 8.98 24.55 -0.97
N MET B 148 9.46 23.84 0.04
CA MET B 148 10.69 23.06 -0.10
C MET B 148 10.56 22.01 -1.21
N LEU B 149 9.39 21.35 -1.28
CA LEU B 149 9.18 20.33 -2.28
C LEU B 149 9.05 20.94 -3.66
N GLU B 150 8.34 22.07 -3.77
CA GLU B 150 8.23 22.74 -5.07
C GLU B 150 9.60 23.20 -5.55
N ALA B 151 10.41 23.75 -4.66
CA ALA B 151 11.75 24.20 -5.04
C ALA B 151 12.63 23.03 -5.46
N GLU B 152 12.40 21.85 -4.89
CA GLU B 152 13.18 20.68 -5.26
C GLU B 152 12.95 20.25 -6.70
N PHE B 153 11.78 20.56 -7.27
CA PHE B 153 11.50 20.23 -8.68
C PHE B 153 11.45 21.46 -9.59
C4 R8S C . -7.00 -19.16 6.92
N1 R8S C . -6.33 -19.04 5.80
N2 R8S C . -6.34 -18.80 8.18
N3 R8S C . -7.09 -18.81 9.40
N R8S C . -8.29 -19.63 6.94
C3 R8S C . -8.89 -19.98 5.79
C2 R8S C . -8.19 -19.86 4.54
C1 R8S C . -6.88 -19.38 4.58
O R8S C . -6.08 -19.25 3.35
C R8S C . -5.07 -18.45 3.44
MG MG D . 12.69 26.42 13.62
#